data_5YM0
#
_entry.id   5YM0
#
_cell.length_a   135.472
_cell.length_b   135.472
_cell.length_c   67.963
_cell.angle_alpha   90.00
_cell.angle_beta   90.00
_cell.angle_gamma   90.00
#
_symmetry.space_group_name_H-M   'P 42 21 2'
#
loop_
_entity.id
_entity.type
_entity.pdbx_description
1 polymer 'Dihydroxy-acid dehydratase, chloroplastic'
2 non-polymer 'SULFATE ION'
3 water water
#
_entity_poly.entity_id   1
_entity_poly.type   'polypeptide(L)'
_entity_poly.pdbx_seq_one_letter_code
;HHHHHHHHGSDYDIPTTENLYFQGSMQATIFSPRATLFPCKPLLPSHNVNSRRPSIISCSAQSVTADPSPPITDTNKLNK
YSSRITEPKSQGGSQAILHGVGLSDDDLLKPQIGISSVWYEGNTCNMHLLKLSEAVKEGVENAGMVGFRFNTIGVSDAIS
MGTRGMCFSLQSRDLIADSIETVMSAQWYDGNISIPGCDKNMPGTIMAMGRLNRPGIMVYGGTIKPGHFQDKTYDIVSAF
QSYGEFVSGSISDEQRKTVLHHSCPGAGACGGMYTANTMASAIEAMGMSLPYSSSIPAEDPLKLDECRLAGKYLLELLKM
DLKPRDIITPKSLRNAMVSVMALGGSTNAVLHLIAIARSVGLELTLDDFQKVSDAVPFLADLKPSGKYVMEDIHKIGGTP
AVLRYLLELGLMDGDCMTVTGQTLAQNLENVPSLTEGQEIIRPLSNPIKETGHIQILRGDLAPDGSVAKITGKEGLYFSG
PALVFEGEESMLAAISADPMSFKGTVVVIRGEGPKGGPGMPEMLTPTSAIMGAGLGKECALLTDGRFSGGSHGFVVGHIC
PEAQEGGPIGLIKNGDIITIDIGKKRIDTQVSPEEMNDRRKKWTAPAYKVNRGVLYKYIKNVQSASDGCVTDE
;
_entity_poly.pdbx_strand_id   A
#
# COMPACT_ATOMS: atom_id res chain seq x y z
N VAL A 64 -1.49 -14.39 -16.17
CA VAL A 64 -1.20 -12.99 -16.47
C VAL A 64 -0.46 -12.85 -17.81
N THR A 65 -1.06 -12.07 -18.72
CA THR A 65 -0.44 -11.75 -20.01
C THR A 65 -0.49 -10.23 -20.15
N ALA A 66 0.66 -9.58 -20.02
CA ALA A 66 0.67 -8.12 -20.01
C ALA A 66 1.77 -7.55 -20.88
N ASP A 67 3.01 -8.05 -20.73
CA ASP A 67 4.21 -7.43 -21.25
C ASP A 67 5.00 -8.38 -22.12
N PRO A 68 5.91 -7.86 -22.97
CA PRO A 68 6.63 -8.73 -23.91
C PRO A 68 7.42 -9.83 -23.22
N SER A 69 7.51 -11.00 -23.93
CA SER A 69 8.35 -12.12 -23.53
C SER A 69 9.76 -11.95 -24.08
N PRO A 70 10.77 -12.50 -23.41
CA PRO A 70 12.13 -12.41 -23.96
C PRO A 70 12.26 -13.28 -25.20
N PRO A 71 13.12 -12.90 -26.15
CA PRO A 71 13.37 -13.69 -27.37
C PRO A 71 13.84 -15.13 -27.10
N THR A 75 17.58 -20.08 -20.84
CA THR A 75 18.90 -19.54 -21.20
C THR A 75 19.60 -18.96 -19.97
N ASN A 76 20.92 -18.85 -20.00
CA ASN A 76 21.66 -18.32 -18.88
C ASN A 76 22.19 -16.91 -19.13
N LYS A 77 21.73 -16.25 -20.19
CA LYS A 77 22.11 -14.89 -20.50
C LYS A 77 21.64 -13.93 -19.44
N LEU A 78 22.42 -12.94 -19.08
CA LEU A 78 21.95 -11.94 -18.13
C LEU A 78 21.17 -10.82 -18.80
N ASN A 79 21.22 -10.72 -20.12
CA ASN A 79 20.49 -9.68 -20.86
C ASN A 79 19.35 -10.31 -21.66
N LYS A 80 18.48 -11.06 -20.95
CA LYS A 80 17.42 -11.81 -21.60
C LYS A 80 16.47 -10.94 -22.40
N TYR A 81 16.24 -9.69 -21.96
CA TYR A 81 15.35 -8.78 -22.66
C TYR A 81 16.08 -7.80 -23.57
N SER A 82 17.13 -7.14 -23.08
CA SER A 82 17.77 -6.13 -23.92
C SER A 82 18.44 -6.73 -25.15
N SER A 83 18.78 -8.03 -25.13
CA SER A 83 19.31 -8.69 -26.31
C SER A 83 18.34 -8.63 -27.49
N ARG A 84 17.05 -8.37 -27.23
CA ARG A 84 16.09 -8.21 -28.32
C ARG A 84 16.49 -7.06 -29.22
N ILE A 85 17.12 -6.02 -28.67
CA ILE A 85 17.48 -4.85 -29.45
C ILE A 85 19.00 -4.66 -29.58
N THR A 86 19.81 -5.26 -28.70
CA THR A 86 21.26 -5.09 -28.80
C THR A 86 21.93 -6.08 -29.75
N GLU A 87 21.35 -7.28 -29.96
CA GLU A 87 22.04 -8.32 -30.73
C GLU A 87 21.64 -8.42 -32.21
N PRO A 88 20.37 -8.57 -32.59
CA PRO A 88 20.06 -8.82 -34.01
C PRO A 88 20.38 -7.63 -34.90
N LYS A 89 20.81 -7.94 -36.13
CA LYS A 89 21.19 -6.86 -37.04
C LYS A 89 19.98 -6.06 -37.54
N SER A 90 18.80 -6.66 -37.52
CA SER A 90 17.59 -5.93 -37.91
C SER A 90 17.24 -4.78 -36.96
N GLN A 91 17.92 -4.67 -35.82
CA GLN A 91 17.66 -3.61 -34.86
C GLN A 91 18.84 -2.62 -34.77
N GLY A 92 19.46 -2.31 -35.92
CA GLY A 92 20.56 -1.36 -35.93
C GLY A 92 20.14 0.03 -35.52
N GLY A 93 18.90 0.42 -35.83
CA GLY A 93 18.39 1.70 -35.36
C GLY A 93 18.34 1.80 -33.84
N SER A 94 17.98 0.68 -33.18
CA SER A 94 18.06 0.62 -31.72
C SER A 94 19.50 0.78 -31.26
N GLN A 95 20.40 0.01 -31.85
CA GLN A 95 21.81 0.07 -31.45
C GLN A 95 22.41 1.44 -31.71
N ALA A 96 21.92 2.15 -32.72
CA ALA A 96 22.44 3.48 -33.02
C ALA A 96 22.03 4.48 -31.94
N ILE A 97 20.77 4.42 -31.50
CA ILE A 97 20.33 5.30 -30.42
C ILE A 97 21.09 5.00 -29.14
N LEU A 98 21.37 3.72 -28.88
CA LEU A 98 22.10 3.35 -27.67
C LEU A 98 23.54 3.87 -27.71
N HIS A 99 24.21 3.79 -28.87
CA HIS A 99 25.49 4.49 -29.00
C HIS A 99 25.32 5.98 -28.76
N GLY A 100 24.23 6.57 -29.25
CA GLY A 100 23.99 7.99 -29.07
C GLY A 100 23.81 8.40 -27.62
N VAL A 101 23.27 7.52 -26.77
CA VAL A 101 23.10 7.86 -25.36
C VAL A 101 24.32 7.51 -24.52
N GLY A 102 25.39 7.01 -25.14
CA GLY A 102 26.65 6.76 -24.44
C GLY A 102 27.13 5.33 -24.41
N LEU A 103 26.42 4.36 -24.97
CA LEU A 103 26.86 2.97 -24.87
C LEU A 103 27.93 2.65 -25.90
N SER A 104 28.98 1.96 -25.45
CA SER A 104 30.01 1.42 -26.32
C SER A 104 29.59 0.05 -26.85
N ASP A 105 30.40 -0.49 -27.77
CA ASP A 105 30.14 -1.84 -28.26
C ASP A 105 30.14 -2.86 -27.12
N ASP A 106 31.10 -2.77 -26.20
CA ASP A 106 31.10 -3.69 -25.07
C ASP A 106 29.88 -3.47 -24.17
N ASP A 107 29.42 -2.22 -24.04
CA ASP A 107 28.23 -1.96 -23.22
C ASP A 107 27.00 -2.65 -23.78
N LEU A 108 26.93 -2.84 -25.09
CA LEU A 108 25.78 -3.51 -25.70
C LEU A 108 25.63 -4.93 -25.22
N LEU A 109 26.71 -5.55 -24.74
CA LEU A 109 26.63 -6.92 -24.25
C LEU A 109 26.08 -7.01 -22.83
N LYS A 110 25.98 -5.89 -22.10
CA LYS A 110 25.66 -5.91 -20.67
C LYS A 110 24.16 -5.86 -20.42
N PRO A 111 23.71 -6.31 -19.24
CA PRO A 111 22.30 -6.11 -18.88
C PRO A 111 22.00 -4.63 -18.71
N GLN A 112 20.75 -4.27 -19.02
CA GLN A 112 20.27 -2.89 -18.95
C GLN A 112 19.21 -2.81 -17.86
N ILE A 113 19.41 -1.91 -16.90
CA ILE A 113 18.56 -1.80 -15.71
C ILE A 113 17.79 -0.50 -15.80
N GLY A 114 16.46 -0.59 -15.73
CA GLY A 114 15.65 0.61 -15.60
C GLY A 114 15.63 1.03 -14.14
N ILE A 115 15.96 2.29 -13.89
CA ILE A 115 16.04 2.86 -12.54
C ILE A 115 14.94 3.90 -12.45
N SER A 116 13.84 3.53 -11.81
CA SER A 116 12.62 4.34 -11.82
C SER A 116 12.43 5.00 -10.44
N SER A 117 12.62 6.30 -10.37
CA SER A 117 12.41 7.09 -9.16
C SER A 117 11.05 7.81 -9.22
N VAL A 118 10.61 8.27 -8.05
CA VAL A 118 9.37 9.06 -7.97
C VAL A 118 9.77 10.41 -7.36
N TRP A 119 10.80 11.04 -7.92
CA TRP A 119 11.19 12.37 -7.47
C TRP A 119 10.14 13.40 -7.89
N TYR A 120 9.79 14.31 -6.99
CA TYR A 120 9.12 15.56 -7.36
C TYR A 120 9.35 16.56 -6.23
N GLU A 121 9.21 17.83 -6.56
CA GLU A 121 9.60 18.86 -5.62
C GLU A 121 8.48 19.30 -4.69
N GLY A 122 7.25 18.90 -4.95
CA GLY A 122 6.17 19.28 -4.05
C GLY A 122 5.99 18.46 -2.77
N ASN A 123 6.99 17.66 -2.37
CA ASN A 123 6.86 16.85 -1.17
C ASN A 123 8.24 16.63 -0.55
N THR A 124 8.34 16.85 0.77
CA THR A 124 9.61 16.56 1.44
C THR A 124 10.01 15.09 1.27
N CYS A 125 9.02 14.20 1.21
CA CYS A 125 9.28 12.77 1.07
C CYS A 125 9.87 12.37 -0.29
N ASN A 126 9.88 13.27 -1.28
CA ASN A 126 10.27 12.88 -2.65
C ASN A 126 11.29 13.80 -3.28
N MET A 127 11.56 14.96 -2.69
CA MET A 127 12.37 15.96 -3.37
C MET A 127 13.84 15.60 -3.44
N HIS A 128 14.32 14.62 -2.65
CA HIS A 128 15.74 14.23 -2.66
C HIS A 128 16.02 12.95 -3.44
N LEU A 129 15.04 12.42 -4.17
CA LEU A 129 15.22 11.07 -4.72
C LEU A 129 16.09 11.03 -5.97
N LEU A 130 16.32 12.16 -6.65
CA LEU A 130 17.26 12.14 -7.78
C LEU A 130 18.66 11.81 -7.30
N LYS A 131 19.03 12.32 -6.13
CA LYS A 131 20.32 12.00 -5.54
C LYS A 131 20.45 10.50 -5.27
N LEU A 132 19.37 9.88 -4.78
CA LEU A 132 19.38 8.43 -4.60
C LEU A 132 19.46 7.72 -5.93
N SER A 133 18.71 8.20 -6.93
CA SER A 133 18.74 7.58 -8.25
CA SER A 133 18.74 7.56 -8.25
C SER A 133 20.14 7.64 -8.86
N GLU A 134 20.85 8.74 -8.64
CA GLU A 134 22.21 8.83 -9.15
C GLU A 134 23.10 7.77 -8.50
N ALA A 135 22.97 7.58 -7.19
CA ALA A 135 23.75 6.57 -6.48
C ALA A 135 23.40 5.16 -6.96
N VAL A 136 22.11 4.90 -7.22
CA VAL A 136 21.73 3.58 -7.73
C VAL A 136 22.39 3.33 -9.07
N LYS A 137 22.41 4.35 -9.94
CA LYS A 137 23.02 4.18 -11.25
C LYS A 137 24.52 3.89 -11.13
N GLU A 138 25.22 4.63 -10.26
CA GLU A 138 26.64 4.35 -10.03
C GLU A 138 26.87 2.89 -9.61
N GLY A 139 26.06 2.40 -8.68
CA GLY A 139 26.16 1.00 -8.25
C GLY A 139 25.88 0.00 -9.37
N VAL A 140 24.88 0.30 -10.23
CA VAL A 140 24.60 -0.56 -11.38
C VAL A 140 25.81 -0.62 -12.31
N GLU A 141 26.42 0.54 -12.57
CA GLU A 141 27.61 0.53 -13.42
C GLU A 141 28.75 -0.25 -12.77
N ASN A 142 28.95 -0.07 -11.47
CA ASN A 142 29.98 -0.82 -10.79
C ASN A 142 29.76 -2.32 -10.85
N ALA A 143 28.52 -2.74 -10.91
CA ALA A 143 28.21 -4.15 -11.02
C ALA A 143 28.29 -4.66 -12.45
N GLY A 144 28.85 -3.87 -13.37
CA GLY A 144 29.01 -4.36 -14.73
C GLY A 144 27.76 -4.31 -15.58
N MET A 145 26.81 -3.45 -15.23
CA MET A 145 25.60 -3.31 -16.00
C MET A 145 25.46 -1.87 -16.47
N VAL A 146 24.42 -1.62 -17.27
CA VAL A 146 24.12 -0.28 -17.79
C VAL A 146 22.83 0.20 -17.12
N GLY A 147 22.85 1.43 -16.62
CA GLY A 147 21.71 2.01 -15.91
C GLY A 147 21.02 3.08 -16.74
N PHE A 148 19.69 3.04 -16.76
CA PHE A 148 18.88 4.03 -17.47
C PHE A 148 17.88 4.58 -16.48
N ARG A 149 18.10 5.83 -16.06
CA ARG A 149 17.19 6.45 -15.10
C ARG A 149 15.96 7.00 -15.80
N PHE A 150 14.82 6.85 -15.14
CA PHE A 150 13.60 7.55 -15.54
C PHE A 150 12.78 7.79 -14.28
N ASN A 151 11.70 8.55 -14.44
CA ASN A 151 11.04 9.08 -13.27
C ASN A 151 9.56 9.20 -13.56
N THR A 152 8.72 8.90 -12.58
CA THR A 152 7.30 9.00 -12.80
C THR A 152 6.72 10.05 -11.87
N ILE A 153 5.40 10.23 -11.89
CA ILE A 153 4.79 11.21 -10.99
C ILE A 153 4.45 10.61 -9.64
N GLY A 154 4.15 11.47 -8.67
CA GLY A 154 3.55 11.10 -7.39
C GLY A 154 2.86 12.34 -6.87
N VAL A 155 2.01 12.19 -5.86
CA VAL A 155 1.31 13.33 -5.27
C VAL A 155 1.31 13.21 -3.76
N SER A 156 1.19 14.35 -3.09
CA SER A 156 1.29 14.43 -1.64
C SER A 156 -0.09 14.59 -1.00
N ASP A 157 -0.46 13.63 -0.13
CA ASP A 157 -1.70 13.74 0.62
C ASP A 157 -1.64 14.82 1.67
N ALA A 158 -0.45 15.07 2.24
CA ALA A 158 -0.35 16.16 3.20
C ALA A 158 -0.75 17.49 2.56
N ILE A 159 -0.43 17.67 1.28
CA ILE A 159 -0.88 18.86 0.58
C ILE A 159 -2.39 18.78 0.31
N SER A 160 -2.86 17.66 -0.24
CA SER A 160 -4.20 17.67 -0.82
C SER A 160 -5.29 17.29 0.18
N MET A 161 -4.94 16.71 1.34
CA MET A 161 -5.92 16.32 2.36
C MET A 161 -6.91 17.44 2.67
N GLY A 162 -8.20 17.09 2.74
CA GLY A 162 -9.23 18.08 2.94
C GLY A 162 -9.73 18.78 1.69
N THR A 163 -9.15 18.50 0.51
CA THR A 163 -9.54 19.13 -0.76
C THR A 163 -9.94 18.07 -1.78
N ARG A 164 -10.59 18.52 -2.86
CA ARG A 164 -10.93 17.63 -3.97
C ARG A 164 -9.68 17.08 -4.66
N GLY A 165 -8.52 17.70 -4.45
CA GLY A 165 -7.28 17.09 -4.96
C GLY A 165 -7.04 15.69 -4.44
N MET A 166 -7.58 15.35 -3.26
CA MET A 166 -7.45 14.01 -2.71
C MET A 166 -8.12 12.94 -3.58
N CYS A 167 -9.07 13.32 -4.45
CA CYS A 167 -9.64 12.36 -5.39
C CYS A 167 -8.60 11.78 -6.34
N PHE A 168 -7.46 12.44 -6.51
CA PHE A 168 -6.42 12.01 -7.44
C PHE A 168 -5.36 11.12 -6.79
N SER A 169 -5.46 10.86 -5.48
CA SER A 169 -4.33 10.28 -4.75
C SER A 169 -4.21 8.77 -4.93
N LEU A 170 -5.25 8.03 -4.53
CA LEU A 170 -5.17 6.57 -4.61
C LEU A 170 -4.86 6.10 -6.04
N GLN A 171 -5.54 6.69 -7.04
CA GLN A 171 -5.33 6.24 -8.43
C GLN A 171 -3.91 6.45 -8.93
N SER A 172 -3.15 7.34 -8.29
CA SER A 172 -1.78 7.58 -8.74
C SER A 172 -0.91 6.34 -8.51
N ARG A 173 -1.29 5.48 -7.54
CA ARG A 173 -0.65 4.17 -7.40
C ARG A 173 -0.71 3.39 -8.71
N ASP A 174 -1.90 3.33 -9.30
CA ASP A 174 -2.11 2.53 -10.49
C ASP A 174 -1.50 3.20 -11.72
N LEU A 175 -1.46 4.53 -11.72
CA LEU A 175 -0.77 5.27 -12.77
C LEU A 175 0.73 5.04 -12.74
N ILE A 176 1.31 5.00 -11.54
CA ILE A 176 2.74 4.68 -11.41
C ILE A 176 3.02 3.28 -11.94
N ALA A 177 2.16 2.31 -11.60
CA ALA A 177 2.36 0.95 -12.10
C ALA A 177 2.32 0.94 -13.63
N ASP A 178 1.30 1.57 -14.22
CA ASP A 178 1.23 1.68 -15.68
C ASP A 178 2.49 2.33 -16.26
N SER A 179 3.00 3.39 -15.60
CA SER A 179 4.11 4.13 -16.17
CA SER A 179 4.13 4.15 -16.12
C SER A 179 5.40 3.30 -16.18
N ILE A 180 5.70 2.60 -15.08
CA ILE A 180 6.91 1.81 -15.05
C ILE A 180 6.79 0.60 -15.99
N GLU A 181 5.62 -0.05 -16.01
CA GLU A 181 5.39 -1.14 -16.96
C GLU A 181 5.64 -0.68 -18.39
N THR A 182 5.14 0.52 -18.72
CA THR A 182 5.29 1.05 -20.08
C THR A 182 6.76 1.21 -20.47
N VAL A 183 7.56 1.85 -19.61
CA VAL A 183 8.96 2.10 -19.94
C VAL A 183 9.73 0.79 -20.02
N MET A 184 9.59 -0.07 -19.01
CA MET A 184 10.33 -1.34 -19.03
C MET A 184 9.98 -2.13 -20.29
N SER A 185 8.71 -2.14 -20.66
CA SER A 185 8.29 -2.92 -21.84
C SER A 185 8.80 -2.30 -23.13
N ALA A 186 8.73 -0.97 -23.26
CA ALA A 186 9.09 -0.37 -24.54
C ALA A 186 10.59 -0.39 -24.75
N GLN A 187 11.38 -0.33 -23.68
CA GLN A 187 12.83 -0.21 -23.81
C GLN A 187 13.58 -1.52 -23.62
N TRP A 188 12.88 -2.61 -23.31
CA TRP A 188 13.48 -3.95 -23.22
C TRP A 188 14.52 -4.04 -22.11
N TYR A 189 14.27 -3.39 -20.97
CA TYR A 189 15.21 -3.49 -19.87
C TYR A 189 15.11 -4.85 -19.19
N ASP A 190 16.27 -5.35 -18.71
CA ASP A 190 16.35 -6.67 -18.11
C ASP A 190 15.92 -6.70 -16.66
N GLY A 191 16.00 -5.57 -15.95
CA GLY A 191 15.66 -5.58 -14.54
C GLY A 191 15.33 -4.16 -14.14
N ASN A 192 14.79 -4.00 -12.92
CA ASN A 192 14.35 -2.70 -12.46
C ASN A 192 14.85 -2.48 -11.04
N ILE A 193 15.26 -1.25 -10.74
CA ILE A 193 15.39 -0.78 -9.36
C ILE A 193 14.49 0.43 -9.23
N SER A 194 13.52 0.37 -8.31
CA SER A 194 12.57 1.46 -8.10
C SER A 194 12.91 2.19 -6.82
N ILE A 195 12.78 3.52 -6.86
CA ILE A 195 13.04 4.35 -5.69
C ILE A 195 11.84 5.23 -5.40
N PRO A 196 10.87 4.70 -4.70
CA PRO A 196 9.73 5.50 -4.21
C PRO A 196 10.14 6.28 -2.96
N GLY A 197 9.39 7.33 -2.69
CA GLY A 197 9.58 8.14 -1.50
C GLY A 197 8.68 7.69 -0.35
N CYS A 198 8.64 8.52 0.71
CA CYS A 198 7.79 8.18 1.85
C CYS A 198 6.39 8.79 1.72
N ASP A 199 5.94 9.04 0.49
CA ASP A 199 4.52 9.28 0.25
C ASP A 199 3.87 7.90 0.07
N LYS A 200 2.70 7.82 -0.57
CA LYS A 200 1.89 6.61 -0.40
C LYS A 200 1.81 5.73 -1.63
N ASN A 201 2.53 6.05 -2.69
CA ASN A 201 2.35 5.35 -3.94
C ASN A 201 3.26 4.15 -4.16
N MET A 202 4.22 3.83 -3.22
CA MET A 202 5.17 2.74 -3.45
C MET A 202 4.59 1.38 -3.87
N PRO A 203 3.37 0.98 -3.47
CA PRO A 203 2.87 -0.32 -4.00
C PRO A 203 2.78 -0.31 -5.52
N GLY A 204 2.64 0.87 -6.14
CA GLY A 204 2.61 0.90 -7.61
C GLY A 204 3.89 0.39 -8.23
N THR A 205 5.03 0.58 -7.54
CA THR A 205 6.27 0.07 -8.13
C THR A 205 6.30 -1.45 -8.09
N ILE A 206 5.81 -2.04 -6.99
CA ILE A 206 5.79 -3.50 -6.87
C ILE A 206 4.78 -4.11 -7.87
N MET A 207 3.64 -3.46 -8.05
CA MET A 207 2.68 -3.94 -9.05
C MET A 207 3.30 -3.99 -10.45
N ALA A 208 4.05 -2.95 -10.84
CA ALA A 208 4.74 -2.98 -12.12
C ALA A 208 5.70 -4.16 -12.21
N MET A 209 6.47 -4.39 -11.13
CA MET A 209 7.39 -5.52 -11.12
C MET A 209 6.65 -6.84 -11.25
N GLY A 210 5.50 -6.98 -10.58
CA GLY A 210 4.74 -8.22 -10.71
C GLY A 210 4.21 -8.43 -12.12
N ARG A 211 3.73 -7.36 -12.76
CA ARG A 211 3.24 -7.50 -14.13
C ARG A 211 4.35 -7.92 -15.08
N LEU A 212 5.51 -7.26 -14.98
CA LEU A 212 6.64 -7.54 -15.88
C LEU A 212 7.28 -8.89 -15.58
N ASN A 213 7.34 -9.25 -14.30
CA ASN A 213 8.05 -10.44 -13.81
C ASN A 213 9.50 -10.48 -14.28
N ARG A 214 10.16 -9.31 -14.26
CA ARG A 214 11.60 -9.23 -14.44
C ARG A 214 12.25 -8.92 -13.10
N PRO A 215 13.46 -9.39 -12.86
CA PRO A 215 14.09 -9.15 -11.54
C PRO A 215 14.05 -7.68 -11.17
N GLY A 216 13.62 -7.40 -9.95
CA GLY A 216 13.52 -6.04 -9.49
C GLY A 216 13.74 -5.93 -8.00
N ILE A 217 14.09 -4.73 -7.57
CA ILE A 217 14.31 -4.44 -6.16
C ILE A 217 13.72 -3.06 -5.87
N MET A 218 13.01 -2.93 -4.77
CA MET A 218 12.48 -1.62 -4.37
C MET A 218 13.39 -1.07 -3.27
N VAL A 219 13.95 0.10 -3.53
CA VAL A 219 14.77 0.83 -2.57
C VAL A 219 13.87 1.91 -1.98
N TYR A 220 13.42 1.72 -0.76
CA TYR A 220 12.61 2.75 -0.10
C TYR A 220 13.44 4.00 0.10
N GLY A 221 12.88 5.15 -0.26
CA GLY A 221 13.57 6.41 -0.03
C GLY A 221 13.88 6.66 1.44
N GLY A 222 13.05 6.14 2.32
CA GLY A 222 13.30 6.29 3.74
C GLY A 222 12.32 7.27 4.37
N THR A 223 12.01 7.05 5.64
CA THR A 223 11.09 7.91 6.36
C THR A 223 11.86 9.07 6.94
N ILE A 224 11.29 10.27 6.86
CA ILE A 224 11.96 11.44 7.38
C ILE A 224 11.94 11.39 8.90
N LYS A 225 13.11 11.52 9.51
CA LYS A 225 13.19 11.51 10.96
C LYS A 225 12.82 12.88 11.52
N PRO A 226 12.34 12.94 12.79
CA PRO A 226 12.07 14.24 13.41
C PRO A 226 13.31 14.81 14.11
N GLY A 271 5.59 10.30 11.55
CA GLY A 271 6.72 9.39 11.42
C GLY A 271 6.43 7.97 11.87
N GLY A 272 5.16 7.69 12.17
CA GLY A 272 4.71 6.41 12.67
C GLY A 272 4.14 5.50 11.59
N MET A 273 3.40 4.48 12.03
CA MET A 273 2.89 3.43 11.15
C MET A 273 1.67 3.91 10.34
N TYR A 274 1.92 4.96 9.56
CA TYR A 274 0.99 5.40 8.54
C TYR A 274 1.28 4.60 7.27
N THR A 275 0.72 5.03 6.14
CA THR A 275 0.73 4.18 4.95
C THR A 275 2.15 3.89 4.48
N ALA A 276 3.00 4.92 4.43
CA ALA A 276 4.36 4.72 3.91
C ALA A 276 5.16 3.76 4.79
N ASN A 277 5.20 4.00 6.10
CA ASN A 277 5.93 3.09 6.99
C ASN A 277 5.34 1.69 6.94
N THR A 278 3.99 1.61 6.91
CA THR A 278 3.32 0.31 6.83
C THR A 278 3.75 -0.43 5.57
N MET A 279 3.66 0.22 4.40
CA MET A 279 3.92 -0.49 3.17
C MET A 279 5.41 -0.79 3.03
N ALA A 280 6.28 0.13 3.46
CA ALA A 280 7.71 -0.12 3.33
C ALA A 280 8.11 -1.34 4.16
N SER A 281 7.66 -1.40 5.42
CA SER A 281 7.93 -2.55 6.25
C SER A 281 7.34 -3.82 5.66
N ALA A 282 6.10 -3.72 5.15
CA ALA A 282 5.46 -4.91 4.58
C ALA A 282 6.19 -5.39 3.34
N ILE A 283 6.70 -4.46 2.53
CA ILE A 283 7.39 -4.85 1.30
C ILE A 283 8.76 -5.43 1.62
N GLU A 284 9.41 -4.94 2.66
CA GLU A 284 10.61 -5.60 3.17
C GLU A 284 10.27 -7.00 3.69
N ALA A 285 9.18 -7.13 4.46
CA ALA A 285 8.81 -8.45 5.00
C ALA A 285 8.48 -9.42 3.87
N MET A 286 7.95 -8.90 2.76
CA MET A 286 7.61 -9.71 1.61
CA MET A 286 7.60 -9.67 1.59
C MET A 286 8.84 -10.12 0.80
N GLY A 287 10.01 -9.59 1.12
CA GLY A 287 11.25 -9.97 0.46
C GLY A 287 11.62 -9.15 -0.76
N MET A 288 10.89 -8.06 -1.07
CA MET A 288 11.11 -7.24 -2.27
C MET A 288 12.02 -6.02 -2.05
N SER A 289 12.45 -5.77 -0.81
CA SER A 289 13.46 -4.76 -0.56
CA SER A 289 13.44 -4.73 -0.51
C SER A 289 14.56 -5.39 0.30
N LEU A 290 15.73 -4.77 0.24
CA LEU A 290 16.86 -5.27 1.01
C LEU A 290 16.62 -5.08 2.51
N PRO A 291 17.26 -5.91 3.33
CA PRO A 291 17.15 -5.72 4.79
C PRO A 291 17.52 -4.30 5.18
N TYR A 292 16.73 -3.75 6.10
CA TYR A 292 16.84 -2.41 6.69
C TYR A 292 16.33 -1.33 5.76
N SER A 293 15.94 -1.63 4.52
CA SER A 293 15.48 -0.57 3.63
C SER A 293 14.34 0.22 4.24
N SER A 294 13.41 -0.46 4.93
CA SER A 294 12.24 0.23 5.43
C SER A 294 12.54 1.08 6.66
N SER A 295 13.60 0.77 7.42
CA SER A 295 13.80 1.44 8.70
C SER A 295 14.96 2.44 8.68
N ILE A 296 15.82 2.42 7.67
CA ILE A 296 16.89 3.43 7.61
C ILE A 296 16.27 4.78 7.28
N PRO A 297 16.54 5.83 8.05
CA PRO A 297 15.91 7.13 7.77
C PRO A 297 16.30 7.71 6.42
N ALA A 298 15.41 8.54 5.87
CA ALA A 298 15.72 9.25 4.64
C ALA A 298 17.00 10.05 4.82
N GLU A 299 17.83 10.13 3.78
CA GLU A 299 19.07 10.90 3.83
C GLU A 299 20.12 10.35 4.80
N ASP A 300 19.88 9.21 5.46
CA ASP A 300 20.94 8.59 6.25
C ASP A 300 22.07 8.14 5.32
N PRO A 301 23.33 8.29 5.73
CA PRO A 301 24.44 7.76 4.91
C PRO A 301 24.25 6.31 4.48
N LEU A 302 23.66 5.49 5.36
CA LEU A 302 23.42 4.09 5.05
C LEU A 302 22.36 3.91 3.98
N LYS A 303 21.48 4.90 3.78
CA LYS A 303 20.54 4.81 2.67
C LYS A 303 21.24 4.98 1.33
N LEU A 304 22.18 5.93 1.25
CA LEU A 304 22.97 6.07 0.04
C LEU A 304 23.80 4.82 -0.23
N ASP A 305 24.35 4.20 0.83
CA ASP A 305 25.11 2.97 0.66
C ASP A 305 24.21 1.84 0.14
N GLU A 306 22.99 1.71 0.69
CA GLU A 306 22.04 0.75 0.14
C GLU A 306 21.81 1.01 -1.35
N CYS A 307 21.62 2.28 -1.74
CA CYS A 307 21.44 2.62 -3.14
C CYS A 307 22.60 2.12 -3.99
N ARG A 308 23.82 2.33 -3.52
CA ARG A 308 24.96 1.89 -4.31
C ARG A 308 25.15 0.38 -4.30
N LEU A 309 24.50 -0.34 -3.40
CA LEU A 309 24.62 -1.79 -3.39
C LEU A 309 23.50 -2.49 -4.17
N ALA A 310 22.41 -1.78 -4.51
CA ALA A 310 21.29 -2.46 -5.15
C ALA A 310 21.71 -3.11 -6.48
N GLY A 311 22.64 -2.49 -7.20
CA GLY A 311 23.12 -3.09 -8.44
C GLY A 311 23.79 -4.44 -8.23
N LYS A 312 24.63 -4.54 -7.20
CA LYS A 312 25.28 -5.83 -6.88
C LYS A 312 24.24 -6.91 -6.62
N TYR A 313 23.22 -6.58 -5.81
CA TYR A 313 22.21 -7.57 -5.52
C TYR A 313 21.40 -7.91 -6.76
N LEU A 314 21.07 -6.90 -7.58
CA LEU A 314 20.25 -7.19 -8.75
C LEU A 314 21.01 -8.04 -9.75
N LEU A 315 22.33 -7.81 -9.89
CA LEU A 315 23.16 -8.67 -10.71
C LEU A 315 23.01 -10.14 -10.32
N GLU A 316 23.09 -10.41 -9.02
CA GLU A 316 22.91 -11.78 -8.55
C GLU A 316 21.52 -12.31 -8.89
N LEU A 317 20.48 -11.46 -8.76
CA LEU A 317 19.14 -11.93 -9.12
C LEU A 317 19.04 -12.25 -10.61
N LEU A 318 19.70 -11.46 -11.46
CA LEU A 318 19.74 -11.80 -12.89
C LEU A 318 20.47 -13.14 -13.11
N LYS A 319 21.57 -13.37 -12.39
CA LYS A 319 22.28 -14.65 -12.51
C LYS A 319 21.41 -15.81 -12.08
N MET A 320 20.65 -15.65 -10.99
CA MET A 320 19.75 -16.69 -10.51
C MET A 320 18.45 -16.76 -11.32
N ASP A 321 18.15 -15.71 -12.09
CA ASP A 321 16.81 -15.44 -12.63
C ASP A 321 15.74 -15.57 -11.54
N LEU A 322 15.99 -14.92 -10.41
CA LEU A 322 15.03 -14.86 -9.32
C LEU A 322 14.14 -13.64 -9.56
N LYS A 323 12.88 -13.89 -9.92
CA LYS A 323 11.94 -12.90 -10.43
C LYS A 323 10.89 -12.56 -9.38
N PRO A 324 10.17 -11.45 -9.54
CA PRO A 324 9.14 -11.08 -8.56
C PRO A 324 8.11 -12.18 -8.29
N ARG A 325 7.70 -12.96 -9.30
CA ARG A 325 6.72 -14.02 -9.03
C ARG A 325 7.36 -15.24 -8.36
N ASP A 326 8.68 -15.29 -8.29
CA ASP A 326 9.37 -16.28 -7.44
C ASP A 326 9.47 -15.80 -5.99
N ILE A 327 9.42 -14.49 -5.77
CA ILE A 327 9.59 -13.91 -4.44
C ILE A 327 8.24 -13.61 -3.77
N ILE A 328 7.29 -13.10 -4.55
CA ILE A 328 5.96 -12.73 -4.07
C ILE A 328 5.07 -13.95 -4.24
N THR A 329 4.77 -14.62 -3.15
CA THR A 329 4.06 -15.89 -3.12
C THR A 329 3.00 -15.80 -2.05
N PRO A 330 2.08 -16.77 -1.98
CA PRO A 330 1.13 -16.75 -0.86
C PRO A 330 1.81 -16.69 0.49
N LYS A 331 2.96 -17.35 0.68
CA LYS A 331 3.61 -17.32 1.99
C LYS A 331 4.29 -15.97 2.24
N SER A 332 4.90 -15.36 1.22
CA SER A 332 5.52 -14.06 1.50
C SER A 332 4.46 -12.96 1.60
N LEU A 333 3.33 -13.12 0.91
CA LEU A 333 2.22 -12.20 1.15
C LEU A 333 1.73 -12.33 2.58
N ARG A 334 1.67 -13.55 3.10
CA ARG A 334 1.32 -13.74 4.49
C ARG A 334 2.34 -13.06 5.41
N ASN A 335 3.64 -13.20 5.10
CA ASN A 335 4.68 -12.53 5.90
C ASN A 335 4.46 -11.03 5.94
N ALA A 336 4.09 -10.46 4.79
CA ALA A 336 3.79 -9.03 4.76
C ALA A 336 2.60 -8.71 5.64
N MET A 337 1.54 -9.52 5.57
CA MET A 337 0.37 -9.27 6.40
C MET A 337 0.71 -9.41 7.88
N VAL A 338 1.59 -10.36 8.21
CA VAL A 338 2.00 -10.51 9.61
C VAL A 338 2.65 -9.24 10.12
N SER A 339 3.53 -8.63 9.30
CA SER A 339 4.19 -7.41 9.75
C SER A 339 3.18 -6.28 9.92
N VAL A 340 2.17 -6.22 9.06
CA VAL A 340 1.12 -5.20 9.21
C VAL A 340 0.39 -5.37 10.53
N MET A 341 -0.02 -6.61 10.86
CA MET A 341 -0.73 -6.84 12.11
C MET A 341 0.14 -6.57 13.32
N ALA A 342 1.39 -7.04 13.29
CA ALA A 342 2.24 -6.94 14.46
C ALA A 342 2.63 -5.50 14.75
N LEU A 343 2.74 -4.68 13.70
CA LEU A 343 3.18 -3.30 13.84
C LEU A 343 2.02 -2.32 13.93
N GLY A 344 0.78 -2.78 13.87
CA GLY A 344 -0.37 -1.89 13.85
C GLY A 344 -0.47 -1.07 12.57
N GLY A 345 -0.16 -1.66 11.43
CA GLY A 345 -0.12 -0.91 10.20
C GLY A 345 -1.50 -0.42 9.71
N SER A 346 -1.43 0.48 8.74
CA SER A 346 -2.59 1.15 8.17
C SER A 346 -3.56 0.17 7.49
N THR A 347 -4.86 0.49 7.60
CA THR A 347 -5.92 -0.16 6.83
C THR A 347 -5.72 0.00 5.33
N ASN A 348 -5.01 1.04 4.88
CA ASN A 348 -4.69 1.11 3.44
C ASN A 348 -3.91 -0.10 2.95
N ALA A 349 -3.18 -0.79 3.84
CA ALA A 349 -2.41 -1.97 3.43
C ALA A 349 -3.30 -3.07 2.88
N VAL A 350 -4.57 -3.12 3.30
CA VAL A 350 -5.51 -4.08 2.71
C VAL A 350 -5.62 -3.85 1.20
N LEU A 351 -5.86 -2.59 0.78
CA LEU A 351 -5.96 -2.29 -0.65
C LEU A 351 -4.67 -2.63 -1.38
N HIS A 352 -3.54 -2.21 -0.83
CA HIS A 352 -2.29 -2.31 -1.56
C HIS A 352 -1.80 -3.76 -1.64
N LEU A 353 -1.94 -4.52 -0.57
CA LEU A 353 -1.49 -5.91 -0.62
C LEU A 353 -2.38 -6.75 -1.54
N ILE A 354 -3.69 -6.47 -1.56
CA ILE A 354 -4.54 -7.15 -2.55
C ILE A 354 -4.09 -6.79 -3.96
N ALA A 355 -3.82 -5.50 -4.22
CA ALA A 355 -3.38 -5.13 -5.57
C ALA A 355 -2.05 -5.78 -5.93
N ILE A 356 -1.13 -5.88 -4.98
CA ILE A 356 0.15 -6.53 -5.26
C ILE A 356 -0.06 -8.02 -5.55
N ALA A 357 -0.91 -8.68 -4.75
CA ALA A 357 -1.20 -10.09 -4.98
C ALA A 357 -1.75 -10.32 -6.37
N ARG A 358 -2.72 -9.50 -6.79
CA ARG A 358 -3.28 -9.66 -8.13
C ARG A 358 -2.22 -9.42 -9.20
N SER A 359 -1.27 -8.50 -8.98
CA SER A 359 -0.29 -8.21 -10.01
C SER A 359 0.58 -9.42 -10.34
N VAL A 360 0.71 -10.38 -9.42
CA VAL A 360 1.47 -11.60 -9.74
C VAL A 360 0.56 -12.79 -10.01
N GLY A 361 -0.72 -12.55 -10.21
CA GLY A 361 -1.64 -13.64 -10.53
C GLY A 361 -2.09 -14.44 -9.35
N LEU A 362 -1.98 -13.90 -8.14
CA LEU A 362 -2.41 -14.61 -6.95
C LEU A 362 -3.73 -14.05 -6.49
N GLU A 363 -4.38 -14.76 -5.57
CA GLU A 363 -5.61 -14.31 -4.93
C GLU A 363 -5.33 -13.89 -3.49
N LEU A 364 -6.00 -12.82 -3.06
CA LEU A 364 -5.94 -12.38 -1.68
C LEU A 364 -7.26 -11.71 -1.36
N THR A 365 -7.95 -12.17 -0.33
CA THR A 365 -9.29 -11.70 -0.02
C THR A 365 -9.31 -11.02 1.34
N LEU A 366 -10.41 -10.32 1.63
CA LEU A 366 -10.58 -9.74 2.96
C LEU A 366 -10.47 -10.81 4.04
N ASP A 367 -11.07 -11.98 3.81
CA ASP A 367 -11.04 -13.02 4.85
C ASP A 367 -9.62 -13.45 5.15
N ASP A 368 -8.73 -13.45 4.16
CA ASP A 368 -7.32 -13.77 4.40
C ASP A 368 -6.71 -12.82 5.43
N PHE A 369 -7.07 -11.53 5.36
CA PHE A 369 -6.59 -10.57 6.35
C PHE A 369 -7.16 -10.87 7.72
N GLN A 370 -8.44 -11.18 7.79
CA GLN A 370 -9.02 -11.49 9.09
C GLN A 370 -8.30 -12.68 9.73
N LYS A 371 -7.97 -13.71 8.95
CA LYS A 371 -7.31 -14.87 9.56
C LYS A 371 -5.92 -14.54 10.08
N VAL A 372 -5.17 -13.71 9.36
CA VAL A 372 -3.87 -13.30 9.89
C VAL A 372 -4.04 -12.40 11.11
N SER A 373 -5.00 -11.46 11.04
CA SER A 373 -5.26 -10.61 12.20
C SER A 373 -5.58 -11.46 13.43
N ASP A 374 -6.48 -12.44 13.28
CA ASP A 374 -6.80 -13.32 14.39
C ASP A 374 -5.60 -14.11 14.89
N ALA A 375 -4.59 -14.34 14.05
CA ALA A 375 -3.46 -15.18 14.41
C ALA A 375 -2.26 -14.42 14.96
N VAL A 376 -2.22 -13.09 14.82
CA VAL A 376 -1.02 -12.31 15.07
C VAL A 376 -1.36 -11.20 16.04
N PRO A 377 -0.72 -11.12 17.21
CA PRO A 377 -1.02 -10.02 18.12
C PRO A 377 -0.35 -8.73 17.69
N PHE A 378 -0.97 -7.62 18.09
CA PHE A 378 -0.39 -6.29 17.91
C PHE A 378 0.64 -6.07 19.03
N LEU A 379 1.90 -5.86 18.64
CA LEU A 379 3.02 -5.83 19.57
C LEU A 379 3.77 -4.51 19.62
N ALA A 380 3.66 -3.66 18.60
CA ALA A 380 4.53 -2.51 18.44
C ALA A 380 3.91 -1.27 19.07
N ASP A 381 4.67 -0.64 19.98
CA ASP A 381 4.28 0.61 20.63
C ASP A 381 4.65 1.79 19.73
N LEU A 382 3.92 1.90 18.61
CA LEU A 382 4.21 2.85 17.54
C LEU A 382 3.00 3.72 17.25
N LYS A 383 3.27 4.99 16.96
CA LYS A 383 2.23 5.92 16.48
C LYS A 383 1.60 5.34 15.21
N PRO A 384 0.31 5.68 14.96
CA PRO A 384 -0.57 6.56 15.74
C PRO A 384 -1.09 5.96 17.06
N SER A 385 -1.24 4.63 17.12
CA SER A 385 -1.74 3.99 18.33
C SER A 385 -0.82 4.23 19.53
N GLY A 386 0.49 4.10 19.33
CA GLY A 386 1.45 4.12 20.43
C GLY A 386 2.38 5.32 20.51
N LYS A 387 3.58 5.06 21.04
CA LYS A 387 4.52 6.08 21.50
C LYS A 387 5.58 6.46 20.47
N TYR A 388 6.09 5.50 19.71
CA TYR A 388 7.37 5.66 19.03
C TYR A 388 7.18 5.77 17.52
N VAL A 389 8.29 6.06 16.84
CA VAL A 389 8.28 6.23 15.39
C VAL A 389 9.31 5.29 14.76
N MET A 390 9.38 5.29 13.42
CA MET A 390 10.25 4.35 12.73
C MET A 390 11.72 4.56 13.09
N GLU A 391 12.16 5.80 13.35
CA GLU A 391 13.56 5.98 13.72
C GLU A 391 13.88 5.31 15.05
N ASP A 392 12.89 5.23 15.96
CA ASP A 392 13.09 4.51 17.21
C ASP A 392 13.29 3.03 16.95
N ILE A 393 12.55 2.47 15.97
CA ILE A 393 12.79 1.10 15.56
C ILE A 393 14.17 0.97 14.94
N HIS A 394 14.57 1.94 14.10
CA HIS A 394 15.92 1.93 13.54
C HIS A 394 16.98 1.81 14.63
N LYS A 395 16.80 2.54 15.74
CA LYS A 395 17.80 2.59 16.80
C LYS A 395 17.88 1.30 17.60
N ILE A 396 16.87 0.44 17.55
CA ILE A 396 16.88 -0.79 18.35
C ILE A 396 17.09 -2.03 17.48
N GLY A 397 17.49 -1.85 16.22
CA GLY A 397 17.82 -2.96 15.35
C GLY A 397 17.03 -3.00 14.05
N GLY A 398 16.05 -2.10 13.87
CA GLY A 398 15.41 -1.91 12.58
C GLY A 398 14.36 -2.96 12.26
N THR A 399 13.82 -2.86 11.04
CA THR A 399 12.86 -3.88 10.60
C THR A 399 13.40 -5.30 10.67
N PRO A 400 14.66 -5.59 10.30
CA PRO A 400 15.14 -6.99 10.43
C PRO A 400 15.07 -7.51 11.86
N ALA A 401 15.35 -6.68 12.86
CA ALA A 401 15.25 -7.14 14.24
C ALA A 401 13.81 -7.50 14.57
N VAL A 402 12.86 -6.70 14.08
CA VAL A 402 11.45 -6.96 14.34
C VAL A 402 11.04 -8.26 13.67
N LEU A 403 11.42 -8.43 12.40
CA LEU A 403 11.08 -9.67 11.71
C LEU A 403 11.78 -10.86 12.34
N ARG A 404 13.01 -10.67 12.83
CA ARG A 404 13.70 -11.79 13.48
C ARG A 404 12.91 -12.27 14.69
N TYR A 405 12.38 -11.34 15.48
CA TYR A 405 11.57 -11.72 16.63
C TYR A 405 10.31 -12.43 16.18
N LEU A 406 9.62 -11.89 15.17
CA LEU A 406 8.40 -12.52 14.69
C LEU A 406 8.68 -13.90 14.11
N LEU A 407 9.84 -14.08 13.47
CA LEU A 407 10.21 -15.39 12.97
C LEU A 407 10.45 -16.37 14.11
N GLU A 408 11.15 -15.92 15.16
CA GLU A 408 11.40 -16.78 16.32
C GLU A 408 10.10 -17.21 16.99
N LEU A 409 9.11 -16.33 17.02
CA LEU A 409 7.78 -16.65 17.54
C LEU A 409 7.00 -17.61 16.63
N GLY A 410 7.56 -17.99 15.49
CA GLY A 410 6.88 -18.88 14.57
C GLY A 410 5.77 -18.25 13.75
N LEU A 411 5.69 -16.92 13.73
CA LEU A 411 4.64 -16.22 13.00
C LEU A 411 4.95 -15.99 11.53
N MET A 412 6.20 -16.20 11.10
CA MET A 412 6.61 -15.96 9.74
C MET A 412 7.22 -17.22 9.13
N ASP A 413 7.13 -17.31 7.81
CA ASP A 413 7.76 -18.40 7.07
C ASP A 413 9.15 -17.94 6.63
N GLY A 414 10.18 -18.54 7.22
CA GLY A 414 11.54 -18.17 6.87
C GLY A 414 12.04 -18.72 5.56
N ASP A 415 11.28 -19.63 4.93
CA ASP A 415 11.72 -20.28 3.70
C ASP A 415 11.58 -19.42 2.46
N CYS A 416 10.92 -18.28 2.54
CA CYS A 416 10.66 -17.46 1.37
C CYS A 416 11.93 -16.81 0.83
N MET A 417 12.14 -16.91 -0.49
CA MET A 417 13.26 -16.23 -1.15
C MET A 417 13.05 -14.72 -1.15
N THR A 418 14.15 -13.96 -1.13
CA THR A 418 14.13 -12.50 -1.07
C THR A 418 15.12 -11.96 -2.10
N VAL A 419 15.10 -10.63 -2.27
CA VAL A 419 15.99 -10.00 -3.24
C VAL A 419 17.46 -10.04 -2.84
N THR A 420 17.80 -10.52 -1.64
CA THR A 420 19.20 -10.77 -1.36
C THR A 420 19.70 -12.01 -2.08
N GLY A 421 18.81 -12.78 -2.71
CA GLY A 421 19.17 -14.05 -3.28
C GLY A 421 19.16 -15.19 -2.29
N GLN A 422 18.83 -14.91 -1.03
CA GLN A 422 18.74 -15.88 0.05
C GLN A 422 17.33 -15.81 0.65
N THR A 423 17.03 -16.78 1.51
CA THR A 423 15.72 -16.82 2.16
C THR A 423 15.63 -15.79 3.28
N LEU A 424 14.40 -15.53 3.72
CA LEU A 424 14.20 -14.63 4.84
C LEU A 424 14.94 -15.11 6.08
N ALA A 425 14.87 -16.41 6.37
CA ALA A 425 15.58 -16.92 7.53
C ALA A 425 17.08 -16.69 7.40
N GLN A 426 17.65 -16.91 6.21
CA GLN A 426 19.08 -16.67 6.03
C GLN A 426 19.45 -15.20 6.25
N ASN A 427 18.65 -14.26 5.69
CA ASN A 427 18.90 -12.84 5.94
C ASN A 427 18.91 -12.53 7.45
N LEU A 428 17.95 -13.09 8.18
CA LEU A 428 17.75 -12.75 9.58
C LEU A 428 18.59 -13.58 10.53
N GLU A 429 19.20 -14.66 10.02
CA GLU A 429 19.97 -15.56 10.89
C GLU A 429 20.96 -14.82 11.76
N ASN A 430 21.55 -13.73 11.24
CA ASN A 430 22.66 -13.08 11.93
C ASN A 430 22.48 -11.58 12.12
N VAL A 431 21.31 -11.03 11.85
CA VAL A 431 21.11 -9.61 12.14
C VAL A 431 21.04 -9.47 13.65
N PRO A 432 21.55 -8.37 14.22
CA PRO A 432 21.37 -8.13 15.66
C PRO A 432 19.90 -8.20 16.04
N SER A 433 19.63 -8.86 17.17
CA SER A 433 18.27 -8.92 17.69
C SER A 433 17.85 -7.57 18.25
N LEU A 434 16.55 -7.47 18.58
CA LEU A 434 16.03 -6.29 19.26
C LEU A 434 16.89 -5.99 20.50
N THR A 435 17.39 -4.77 20.59
CA THR A 435 18.34 -4.43 21.65
C THR A 435 17.73 -4.68 23.03
N GLU A 436 18.55 -5.21 23.94
CA GLU A 436 18.06 -5.64 25.25
C GLU A 436 17.47 -4.47 26.02
N GLY A 437 16.26 -4.67 26.57
CA GLY A 437 15.57 -3.66 27.35
C GLY A 437 14.64 -2.76 26.57
N GLN A 438 14.59 -2.87 25.25
CA GLN A 438 13.74 -2.00 24.46
C GLN A 438 12.28 -2.21 24.83
N GLU A 439 11.50 -1.12 24.76
CA GLU A 439 10.09 -1.12 25.13
C GLU A 439 9.15 -0.88 23.95
N ILE A 440 9.67 -0.89 22.71
CA ILE A 440 8.80 -0.63 21.57
C ILE A 440 8.03 -1.90 21.18
N ILE A 441 8.73 -3.02 21.07
CA ILE A 441 8.13 -4.29 20.67
C ILE A 441 7.84 -5.10 21.93
N ARG A 442 6.56 -5.34 22.19
CA ARG A 442 6.13 -6.10 23.35
C ARG A 442 6.46 -7.59 23.20
N PRO A 443 6.61 -8.29 24.32
CA PRO A 443 6.71 -9.75 24.24
C PRO A 443 5.36 -10.36 23.89
N LEU A 444 5.42 -11.60 23.37
CA LEU A 444 4.20 -12.36 23.08
C LEU A 444 3.27 -12.40 24.28
N SER A 445 3.83 -12.47 25.50
CA SER A 445 3.01 -12.62 26.70
C SER A 445 2.22 -11.36 27.03
N ASN A 446 2.76 -10.17 26.74
CA ASN A 446 2.11 -8.91 27.06
C ASN A 446 1.92 -8.07 25.79
N PRO A 447 1.06 -8.50 24.87
CA PRO A 447 0.82 -7.72 23.65
C PRO A 447 -0.05 -6.51 23.92
N ILE A 448 0.05 -5.53 23.01
CA ILE A 448 -0.86 -4.39 23.11
C ILE A 448 -2.27 -4.83 22.79
N LYS A 449 -2.44 -5.85 21.95
CA LYS A 449 -3.75 -6.44 21.69
C LYS A 449 -3.56 -7.91 21.32
N GLU A 450 -4.49 -8.73 21.80
CA GLU A 450 -4.39 -10.19 21.63
C GLU A 450 -4.35 -10.57 20.15
N THR A 451 -5.09 -9.85 19.32
CA THR A 451 -5.13 -10.08 17.88
C THR A 451 -4.80 -8.77 17.19
N GLY A 452 -4.83 -8.79 15.86
CA GLY A 452 -4.53 -7.59 15.11
C GLY A 452 -5.62 -6.53 15.21
N HIS A 453 -5.19 -5.29 14.93
CA HIS A 453 -6.09 -4.14 14.89
C HIS A 453 -7.07 -4.21 13.74
N ILE A 454 -6.66 -4.80 12.61
CA ILE A 454 -7.48 -4.73 11.41
C ILE A 454 -8.64 -5.71 11.53
N GLN A 455 -9.84 -5.23 11.29
CA GLN A 455 -11.06 -6.03 11.42
C GLN A 455 -11.88 -5.91 10.16
N ILE A 456 -12.36 -7.04 9.67
CA ILE A 456 -13.25 -7.08 8.53
C ILE A 456 -14.66 -7.19 9.07
N LEU A 457 -15.55 -6.31 8.60
CA LEU A 457 -16.95 -6.35 9.00
C LEU A 457 -17.85 -6.52 7.78
N ARG A 458 -18.89 -7.34 7.92
CA ARG A 458 -19.91 -7.48 6.88
C ARG A 458 -21.24 -7.08 7.50
N GLY A 459 -22.25 -7.95 7.49
CA GLY A 459 -23.58 -7.55 7.96
C GLY A 459 -24.41 -6.95 6.83
N ASP A 460 -25.60 -6.44 7.22
CA ASP A 460 -26.59 -5.96 6.24
C ASP A 460 -26.05 -4.82 5.38
N LEU A 461 -25.28 -3.92 5.98
CA LEU A 461 -24.91 -2.69 5.29
C LEU A 461 -23.55 -2.78 4.61
N ALA A 462 -22.81 -3.86 4.84
CA ALA A 462 -21.52 -4.04 4.17
C ALA A 462 -21.42 -5.48 3.68
N PRO A 463 -22.36 -5.91 2.84
CA PRO A 463 -22.41 -7.35 2.53
C PRO A 463 -21.15 -7.86 1.85
N ASP A 464 -20.43 -6.99 1.12
CA ASP A 464 -19.21 -7.40 0.45
C ASP A 464 -17.96 -7.00 1.22
N GLY A 465 -18.09 -6.54 2.46
CA GLY A 465 -16.96 -6.31 3.32
C GLY A 465 -16.74 -4.82 3.58
N SER A 466 -15.91 -4.57 4.59
CA SER A 466 -15.49 -3.24 5.04
C SER A 466 -14.30 -3.47 5.95
N VAL A 467 -13.60 -2.38 6.31
CA VAL A 467 -12.34 -2.47 7.04
C VAL A 467 -12.35 -1.47 8.18
N ALA A 468 -12.06 -1.94 9.39
CA ALA A 468 -11.97 -1.09 10.56
C ALA A 468 -10.65 -1.35 11.27
N LYS A 469 -10.14 -0.32 11.92
CA LYS A 469 -9.03 -0.45 12.85
C LYS A 469 -9.62 -0.46 14.27
N ILE A 470 -9.48 -1.59 14.96
CA ILE A 470 -10.10 -1.81 16.27
C ILE A 470 -9.00 -1.96 17.31
N THR A 471 -8.98 -1.07 18.29
CA THR A 471 -7.97 -1.14 19.35
C THR A 471 -8.31 -2.15 20.43
N GLY A 472 -9.59 -2.48 20.61
CA GLY A 472 -10.01 -3.27 21.75
C GLY A 472 -10.39 -2.46 22.96
N LYS A 473 -10.34 -1.13 22.87
CA LYS A 473 -10.67 -0.26 23.98
C LYS A 473 -11.96 0.52 23.74
N GLU A 474 -12.65 0.27 22.64
CA GLU A 474 -13.86 1.03 22.31
C GLU A 474 -15.14 0.27 22.62
N GLY A 475 -15.05 -0.93 23.19
CA GLY A 475 -16.24 -1.72 23.46
C GLY A 475 -16.60 -2.60 22.29
N LEU A 476 -17.60 -3.47 22.47
CA LEU A 476 -17.94 -4.39 21.38
C LEU A 476 -19.15 -3.99 20.57
N TYR A 477 -19.93 -3.00 21.00
CA TYR A 477 -21.14 -2.65 20.26
C TYR A 477 -21.34 -1.14 20.20
N PHE A 478 -21.99 -0.71 19.12
CA PHE A 478 -22.53 0.63 19.02
C PHE A 478 -23.87 0.54 18.28
N SER A 479 -24.87 1.25 18.79
CA SER A 479 -26.15 1.36 18.10
C SER A 479 -26.60 2.82 18.11
N GLY A 480 -27.13 3.28 16.99
CA GLY A 480 -27.66 4.62 16.95
C GLY A 480 -28.39 4.92 15.67
N PRO A 481 -29.22 5.96 15.67
CA PRO A 481 -29.87 6.38 14.42
C PRO A 481 -28.86 6.92 13.43
N ALA A 482 -29.12 6.62 12.16
CA ALA A 482 -28.25 7.07 11.08
C ALA A 482 -28.37 8.57 10.86
N LEU A 483 -27.23 9.21 10.62
CA LEU A 483 -27.15 10.60 10.16
C LEU A 483 -26.34 10.57 8.87
N VAL A 484 -26.98 10.79 7.72
CA VAL A 484 -26.42 10.43 6.43
C VAL A 484 -26.04 11.68 5.66
N PHE A 485 -24.83 11.68 5.09
CA PHE A 485 -24.32 12.79 4.29
C PHE A 485 -23.80 12.27 2.96
N GLU A 486 -24.06 13.03 1.90
CA GLU A 486 -23.64 12.62 0.56
C GLU A 486 -22.20 12.99 0.24
N GLY A 487 -21.46 13.50 1.21
CA GLY A 487 -20.05 13.76 1.02
C GLY A 487 -19.51 14.41 2.27
N GLU A 488 -18.19 14.57 2.28
CA GLU A 488 -17.51 15.12 3.45
C GLU A 488 -17.95 16.54 3.74
N GLU A 489 -18.15 17.34 2.69
CA GLU A 489 -18.45 18.77 2.87
C GLU A 489 -19.72 18.98 3.69
N SER A 490 -20.81 18.29 3.32
CA SER A 490 -22.05 18.54 4.06
C SER A 490 -21.99 17.98 5.48
N MET A 491 -21.24 16.90 5.71
CA MET A 491 -21.06 16.42 7.07
C MET A 491 -20.34 17.45 7.94
N LEU A 492 -19.28 18.04 7.40
CA LEU A 492 -18.52 19.05 8.17
C LEU A 492 -19.34 20.30 8.41
N ALA A 493 -20.18 20.70 7.45
CA ALA A 493 -21.05 21.85 7.65
C ALA A 493 -22.06 21.57 8.75
N ALA A 494 -22.64 20.37 8.74
CA ALA A 494 -23.65 20.04 9.74
C ALA A 494 -23.05 19.98 11.15
N ILE A 495 -21.87 19.40 11.31
CA ILE A 495 -21.31 19.30 12.66
C ILE A 495 -20.88 20.67 13.16
N SER A 496 -20.52 21.58 12.24
CA SER A 496 -20.19 22.93 12.65
C SER A 496 -21.42 23.67 13.17
N ALA A 497 -22.53 23.60 12.44
CA ALA A 497 -23.70 24.38 12.80
C ALA A 497 -24.50 23.78 13.94
N ASP A 498 -24.45 22.45 14.11
CA ASP A 498 -25.31 21.76 15.08
C ASP A 498 -24.61 20.51 15.59
N PRO A 499 -23.55 20.67 16.39
CA PRO A 499 -22.78 19.49 16.80
C PRO A 499 -23.56 18.51 17.67
N MET A 500 -24.51 18.98 18.47
CA MET A 500 -25.17 18.05 19.38
C MET A 500 -26.18 17.17 18.67
N SER A 501 -26.62 17.55 17.46
CA SER A 501 -27.41 16.64 16.65
C SER A 501 -26.64 15.37 16.29
N PHE A 502 -25.32 15.32 16.51
CA PHE A 502 -24.54 14.13 16.22
C PHE A 502 -24.44 13.15 17.38
N LYS A 503 -24.74 13.60 18.59
CA LYS A 503 -24.56 12.73 19.75
C LYS A 503 -25.43 11.48 19.64
N GLY A 504 -24.79 10.32 19.78
CA GLY A 504 -25.51 9.06 19.74
C GLY A 504 -25.82 8.52 18.36
N THR A 505 -25.38 9.18 17.30
CA THR A 505 -25.74 8.76 15.96
C THR A 505 -24.67 7.86 15.35
N VAL A 506 -25.07 7.16 14.30
CA VAL A 506 -24.13 6.53 13.38
C VAL A 506 -24.05 7.45 12.17
N VAL A 507 -22.91 8.13 12.02
CA VAL A 507 -22.70 9.06 10.93
C VAL A 507 -22.29 8.29 9.69
N VAL A 508 -22.96 8.56 8.58
CA VAL A 508 -22.68 7.88 7.32
C VAL A 508 -22.24 8.93 6.32
N ILE A 509 -21.00 8.84 5.83
CA ILE A 509 -20.52 9.72 4.77
C ILE A 509 -20.42 8.85 3.53
N ARG A 510 -21.35 9.00 2.61
CA ARG A 510 -21.36 8.10 1.46
C ARG A 510 -21.11 8.88 0.17
N GLY A 511 -20.98 8.14 -0.93
CA GLY A 511 -20.60 8.79 -2.17
C GLY A 511 -19.13 9.09 -2.25
N GLU A 512 -18.31 8.44 -1.41
CA GLU A 512 -16.87 8.68 -1.37
C GLU A 512 -16.07 7.44 -1.77
N GLY A 513 -16.70 6.50 -2.48
CA GLY A 513 -16.01 5.29 -2.91
C GLY A 513 -15.16 5.49 -4.15
N PRO A 514 -14.65 4.38 -4.68
CA PRO A 514 -13.81 4.44 -5.89
C PRO A 514 -14.46 5.16 -7.05
N LYS A 515 -15.73 4.87 -7.33
CA LYS A 515 -16.44 5.54 -8.42
C LYS A 515 -17.20 6.77 -7.94
N GLY A 516 -17.72 6.75 -6.72
CA GLY A 516 -18.55 7.86 -6.30
C GLY A 516 -17.78 9.10 -5.92
N GLY A 517 -16.58 8.94 -5.36
CA GLY A 517 -15.80 10.06 -4.83
C GLY A 517 -15.57 11.19 -5.84
N PRO A 518 -15.02 10.84 -7.02
CA PRO A 518 -14.40 9.56 -7.37
C PRO A 518 -13.05 9.42 -6.70
N GLY A 519 -12.42 8.26 -6.82
CA GLY A 519 -11.05 8.12 -6.37
C GLY A 519 -10.87 7.66 -4.96
N MET A 520 -11.96 7.31 -4.26
CA MET A 520 -11.91 6.81 -2.90
C MET A 520 -11.05 7.69 -2.01
N PRO A 521 -11.35 8.99 -1.91
CA PRO A 521 -10.50 9.88 -1.14
C PRO A 521 -10.41 9.50 0.34
N GLU A 522 -9.25 9.77 0.93
CA GLU A 522 -9.04 9.61 2.36
C GLU A 522 -9.50 10.87 3.07
N MET A 523 -10.23 10.73 4.18
CA MET A 523 -10.81 11.88 4.84
C MET A 523 -10.31 11.96 6.28
N LEU A 524 -9.76 13.10 6.65
CA LEU A 524 -9.26 13.32 8.01
C LEU A 524 -10.15 14.23 8.83
N THR A 525 -10.73 15.25 8.21
CA THR A 525 -11.49 16.24 8.96
C THR A 525 -12.69 15.65 9.72
N PRO A 526 -13.44 14.66 9.19
CA PRO A 526 -14.59 14.16 9.97
C PRO A 526 -14.22 13.64 11.35
N THR A 527 -13.11 12.91 11.48
CA THR A 527 -12.74 12.40 12.80
C THR A 527 -12.22 13.50 13.72
N SER A 528 -11.44 14.46 13.18
CA SER A 528 -10.98 15.52 14.08
C SER A 528 -12.14 16.46 14.45
N ALA A 529 -13.10 16.66 13.56
CA ALA A 529 -14.26 17.47 13.93
C ALA A 529 -15.09 16.78 15.00
N ILE A 530 -15.29 15.46 14.87
CA ILE A 530 -16.01 14.71 15.91
C ILE A 530 -15.27 14.81 17.24
N MET A 531 -13.98 14.62 17.21
CA MET A 531 -13.20 14.73 18.40
C MET A 531 -13.24 16.15 18.97
N GLY A 532 -13.16 17.16 18.11
CA GLY A 532 -13.20 18.54 18.54
C GLY A 532 -14.51 18.92 19.19
N ALA A 533 -15.61 18.28 18.81
CA ALA A 533 -16.89 18.54 19.43
C ALA A 533 -17.11 17.74 20.71
N GLY A 534 -16.14 16.93 21.14
CA GLY A 534 -16.31 16.11 22.32
C GLY A 534 -17.12 14.84 22.10
N LEU A 535 -17.34 14.44 20.86
CA LEU A 535 -18.26 13.35 20.53
C LEU A 535 -17.54 12.04 20.20
N GLY A 536 -16.26 11.92 20.55
CA GLY A 536 -15.44 10.84 20.02
C GLY A 536 -16.00 9.45 20.31
N LYS A 537 -16.38 9.20 21.55
CA LYS A 537 -16.93 7.90 21.90
C LYS A 537 -18.45 7.88 21.85
N GLU A 538 -19.07 8.98 21.43
CA GLU A 538 -20.52 9.13 21.48
C GLU A 538 -21.16 9.01 20.10
N CYS A 539 -20.39 8.66 19.08
CA CYS A 539 -21.01 8.39 17.79
C CYS A 539 -20.08 7.47 17.02
N ALA A 540 -20.59 6.87 15.97
CA ALA A 540 -19.82 6.02 15.07
C ALA A 540 -19.75 6.68 13.69
N LEU A 541 -18.78 6.25 12.90
CA LEU A 541 -18.51 6.85 11.60
C LEU A 541 -18.36 5.75 10.55
N LEU A 542 -19.15 5.81 9.48
CA LEU A 542 -19.13 4.82 8.40
C LEU A 542 -18.91 5.49 7.04
N THR A 543 -18.13 4.87 6.16
CA THR A 543 -17.99 5.42 4.81
C THR A 543 -17.69 4.34 3.79
N ASP A 544 -18.04 4.62 2.53
CA ASP A 544 -17.54 3.82 1.41
C ASP A 544 -16.19 4.33 0.92
N GLY A 545 -15.70 5.44 1.48
CA GLY A 545 -14.35 5.91 1.21
C GLY A 545 -13.36 5.44 2.25
N ARG A 546 -12.42 6.30 2.67
CA ARG A 546 -11.42 5.91 3.65
C ARG A 546 -11.28 7.02 4.68
N PHE A 547 -10.96 6.63 5.93
CA PHE A 547 -10.67 7.59 6.99
C PHE A 547 -9.19 7.52 7.35
N SER A 548 -8.63 8.67 7.76
CA SER A 548 -7.23 8.71 8.18
C SER A 548 -7.06 8.28 9.62
N HIS A 552 -11.32 7.36 18.71
CA HIS A 552 -11.52 6.62 19.96
C HIS A 552 -12.81 5.83 19.92
N GLY A 553 -13.55 5.97 18.83
CA GLY A 553 -14.79 5.23 18.64
C GLY A 553 -14.75 4.31 17.44
N PHE A 554 -15.95 3.94 16.98
CA PHE A 554 -16.12 3.04 15.85
C PHE A 554 -15.97 3.84 14.57
N VAL A 555 -15.00 3.46 13.73
CA VAL A 555 -14.73 4.15 12.47
C VAL A 555 -14.55 3.05 11.41
N VAL A 556 -15.43 3.02 10.40
CA VAL A 556 -15.38 1.96 9.38
C VAL A 556 -15.29 2.58 7.99
N GLY A 557 -14.36 2.08 7.17
CA GLY A 557 -14.22 2.51 5.79
C GLY A 557 -14.31 1.32 4.84
N HIS A 558 -14.16 1.63 3.55
CA HIS A 558 -14.12 0.62 2.48
C HIS A 558 -15.44 -0.15 2.35
N ILE A 559 -16.57 0.42 2.79
CA ILE A 559 -17.82 -0.32 2.79
C ILE A 559 -18.23 -0.64 1.36
N CYS A 560 -18.48 -1.93 1.10
CA CYS A 560 -18.78 -2.46 -0.22
C CYS A 560 -20.09 -3.26 -0.21
N PRO A 561 -20.88 -3.13 -1.29
CA PRO A 561 -20.66 -2.23 -2.43
C PRO A 561 -20.80 -0.74 -2.06
N GLU A 562 -20.09 0.13 -2.76
CA GLU A 562 -20.17 1.56 -2.47
C GLU A 562 -21.55 2.09 -2.86
N ALA A 563 -21.88 3.27 -2.33
CA ALA A 563 -23.19 3.87 -2.60
C ALA A 563 -23.41 4.08 -4.11
N GLN A 564 -22.36 4.49 -4.83
CA GLN A 564 -22.49 4.72 -6.27
C GLN A 564 -22.88 3.45 -7.02
N GLU A 565 -22.54 2.28 -6.48
CA GLU A 565 -22.90 1.01 -7.09
C GLU A 565 -24.20 0.44 -6.56
N GLY A 566 -24.96 1.21 -5.78
CA GLY A 566 -26.22 0.70 -5.29
C GLY A 566 -26.12 -0.22 -4.10
N GLY A 567 -24.97 -0.26 -3.42
CA GLY A 567 -24.83 -1.00 -2.20
C GLY A 567 -25.79 -0.49 -1.15
N PRO A 568 -26.09 -1.32 -0.15
CA PRO A 568 -27.03 -0.90 0.90
C PRO A 568 -26.67 0.42 1.58
N ILE A 569 -25.39 0.80 1.64
CA ILE A 569 -25.03 2.08 2.23
C ILE A 569 -25.73 3.24 1.49
N GLY A 570 -25.95 3.08 0.19
CA GLY A 570 -26.64 4.10 -0.59
C GLY A 570 -28.14 4.15 -0.37
N LEU A 571 -28.68 3.20 0.41
CA LEU A 571 -30.11 3.15 0.68
C LEU A 571 -30.45 3.56 2.10
N ILE A 572 -29.46 3.75 2.97
CA ILE A 572 -29.72 4.19 4.33
C ILE A 572 -30.44 5.54 4.33
N LYS A 573 -31.39 5.73 5.26
CA LYS A 573 -32.06 7.01 5.47
C LYS A 573 -31.82 7.52 6.89
N ASN A 574 -31.84 8.85 7.07
CA ASN A 574 -31.72 9.39 8.42
C ASN A 574 -32.72 8.71 9.34
N GLY A 575 -32.25 8.33 10.53
CA GLY A 575 -33.09 7.71 11.55
C GLY A 575 -33.09 6.19 11.53
N ASP A 576 -32.70 5.55 10.43
CA ASP A 576 -32.51 4.10 10.44
C ASP A 576 -31.60 3.74 11.60
N ILE A 577 -31.98 2.72 12.37
CA ILE A 577 -31.15 2.30 13.49
C ILE A 577 -30.06 1.37 12.98
N ILE A 578 -28.80 1.77 13.15
CA ILE A 578 -27.66 0.97 12.70
C ILE A 578 -26.93 0.41 13.92
N THR A 579 -26.55 -0.86 13.88
CA THR A 579 -25.90 -1.55 14.99
C THR A 579 -24.58 -2.15 14.51
N ILE A 580 -23.49 -1.75 15.14
CA ILE A 580 -22.16 -2.29 14.86
C ILE A 580 -21.83 -3.27 15.96
N ASP A 581 -21.54 -4.51 15.57
CA ASP A 581 -21.25 -5.60 16.50
C ASP A 581 -19.90 -6.17 16.10
N ILE A 582 -18.87 -5.88 16.91
CA ILE A 582 -17.51 -6.27 16.57
C ILE A 582 -17.36 -7.77 16.70
N GLY A 583 -17.96 -8.36 17.75
CA GLY A 583 -17.85 -9.79 17.96
C GLY A 583 -18.44 -10.59 16.83
N LYS A 584 -19.61 -10.18 16.33
CA LYS A 584 -20.22 -10.83 15.18
C LYS A 584 -19.65 -10.34 13.87
N LYS A 585 -18.87 -9.26 13.88
CA LYS A 585 -18.29 -8.66 12.67
C LYS A 585 -19.37 -8.30 11.66
N ARG A 586 -20.36 -7.53 12.11
CA ARG A 586 -21.49 -7.13 11.28
C ARG A 586 -21.85 -5.68 11.51
N ILE A 587 -22.21 -5.00 10.43
CA ILE A 587 -22.88 -3.70 10.47
C ILE A 587 -24.30 -3.92 9.95
N ASP A 588 -25.27 -3.89 10.85
CA ASP A 588 -26.66 -4.22 10.52
C ASP A 588 -27.55 -2.99 10.61
N THR A 589 -28.75 -3.12 10.03
CA THR A 589 -29.79 -2.10 10.12
C THR A 589 -31.06 -2.75 10.65
N GLN A 590 -31.82 -2.01 11.45
CA GLN A 590 -33.12 -2.53 11.88
C GLN A 590 -34.17 -2.48 10.79
N VAL A 591 -33.92 -1.72 9.71
CA VAL A 591 -34.80 -1.76 8.55
C VAL A 591 -34.89 -3.20 8.05
N SER A 592 -36.11 -3.65 7.75
CA SER A 592 -36.27 -5.04 7.28
C SER A 592 -35.60 -5.23 5.92
N PRO A 593 -35.15 -6.45 5.62
CA PRO A 593 -34.58 -6.69 4.29
C PRO A 593 -35.55 -6.40 3.17
N GLU A 594 -36.86 -6.58 3.43
CA GLU A 594 -37.87 -6.29 2.42
C GLU A 594 -37.95 -4.80 2.13
N GLU A 595 -37.91 -3.96 3.16
CA GLU A 595 -37.95 -2.53 2.91
C GLU A 595 -36.65 -2.04 2.29
N MET A 596 -35.51 -2.67 2.63
CA MET A 596 -34.26 -2.32 1.97
C MET A 596 -34.33 -2.65 0.48
N ASN A 597 -34.94 -3.79 0.13
CA ASN A 597 -35.08 -4.13 -1.28
C ASN A 597 -36.08 -3.22 -1.98
N ASP A 598 -37.10 -2.75 -1.26
CA ASP A 598 -38.00 -1.75 -1.82
C ASP A 598 -37.25 -0.47 -2.17
N ARG A 599 -36.40 0.01 -1.25
CA ARG A 599 -35.58 1.17 -1.55
C ARG A 599 -34.67 0.90 -2.73
N ARG A 600 -34.10 -0.31 -2.82
CA ARG A 600 -33.21 -0.62 -3.94
C ARG A 600 -33.96 -0.51 -5.27
N LYS A 601 -35.20 -1.01 -5.31
CA LYS A 601 -35.98 -0.96 -6.55
C LYS A 601 -36.22 0.46 -7.02
N LYS A 602 -36.32 1.41 -6.10
CA LYS A 602 -36.56 2.82 -6.42
C LYS A 602 -35.28 3.62 -6.58
N TRP A 603 -34.12 3.01 -6.38
CA TRP A 603 -32.86 3.75 -6.41
C TRP A 603 -32.36 3.90 -7.84
N THR A 604 -31.82 5.07 -8.15
CA THR A 604 -31.10 5.31 -9.40
C THR A 604 -29.70 5.84 -9.09
N ALA A 605 -28.71 5.36 -9.84
CA ALA A 605 -27.33 5.81 -9.62
C ALA A 605 -27.21 7.32 -9.86
N PRO A 606 -26.50 8.05 -8.99
CA PRO A 606 -26.22 9.45 -9.27
C PRO A 606 -25.34 9.58 -10.51
N ALA A 607 -25.44 10.74 -11.16
CA ALA A 607 -24.52 11.04 -12.26
C ALA A 607 -23.09 11.06 -11.74
N TYR A 608 -22.16 10.58 -12.56
CA TYR A 608 -20.76 10.64 -12.18
C TYR A 608 -20.33 12.09 -12.02
N LYS A 609 -19.38 12.33 -11.12
CA LYS A 609 -18.95 13.71 -10.88
C LYS A 609 -18.02 14.28 -11.94
N VAL A 610 -17.48 13.45 -12.84
CA VAL A 610 -16.64 13.90 -13.93
C VAL A 610 -17.07 13.15 -15.18
N ASN A 611 -16.69 13.68 -16.34
CA ASN A 611 -16.98 13.01 -17.59
C ASN A 611 -15.77 12.93 -18.51
N ARG A 612 -14.61 13.41 -18.05
CA ARG A 612 -13.40 13.39 -18.86
C ARG A 612 -12.19 13.24 -17.94
N GLY A 613 -11.04 12.98 -18.55
CA GLY A 613 -9.79 12.98 -17.83
C GLY A 613 -9.52 11.72 -17.04
N VAL A 614 -8.44 11.79 -16.25
CA VAL A 614 -7.90 10.60 -15.58
C VAL A 614 -8.92 10.01 -14.60
N LEU A 615 -9.72 10.84 -13.94
CA LEU A 615 -10.68 10.30 -12.99
C LEU A 615 -11.84 9.63 -13.69
N TYR A 616 -12.20 10.09 -14.90
CA TYR A 616 -13.26 9.39 -15.61
C TYR A 616 -12.78 8.01 -16.05
N LYS A 617 -11.54 7.93 -16.52
CA LYS A 617 -10.94 6.63 -16.78
C LYS A 617 -10.93 5.76 -15.53
N TYR A 618 -10.61 6.35 -14.37
CA TYR A 618 -10.62 5.55 -13.15
C TYR A 618 -12.01 4.99 -12.88
N ILE A 619 -13.04 5.83 -12.99
CA ILE A 619 -14.41 5.34 -12.85
C ILE A 619 -14.68 4.18 -13.78
N LYS A 620 -14.26 4.31 -15.05
CA LYS A 620 -14.50 3.26 -16.03
C LYS A 620 -13.78 1.96 -15.68
N ASN A 621 -12.63 2.02 -14.97
CA ASN A 621 -11.75 0.86 -14.81
C ASN A 621 -11.73 0.23 -13.42
N VAL A 622 -12.06 0.96 -12.37
CA VAL A 622 -11.69 0.52 -11.02
C VAL A 622 -12.67 -0.54 -10.50
N GLN A 623 -12.12 -1.52 -9.80
CA GLN A 623 -12.90 -2.52 -9.11
C GLN A 623 -13.18 -2.05 -7.67
N SER A 624 -13.95 -2.84 -6.93
CA SER A 624 -14.37 -2.46 -5.58
C SER A 624 -13.18 -2.41 -4.61
N ALA A 625 -13.41 -1.76 -3.47
CA ALA A 625 -12.38 -1.73 -2.42
C ALA A 625 -12.07 -3.13 -1.91
N SER A 626 -13.08 -4.00 -1.80
CA SER A 626 -12.81 -5.39 -1.42
C SER A 626 -11.91 -6.11 -2.43
N ASP A 627 -11.85 -5.61 -3.66
CA ASP A 627 -10.97 -6.14 -4.69
C ASP A 627 -9.70 -5.30 -4.83
N GLY A 628 -9.38 -4.48 -3.82
CA GLY A 628 -8.15 -3.72 -3.83
C GLY A 628 -8.12 -2.54 -4.78
N CYS A 629 -9.27 -2.15 -5.35
CA CYS A 629 -9.36 -1.06 -6.32
C CYS A 629 -8.39 -1.24 -7.48
N VAL A 630 -8.19 -2.49 -7.93
CA VAL A 630 -7.37 -2.71 -9.12
C VAL A 630 -8.13 -2.17 -10.34
N THR A 631 -7.38 -1.75 -11.36
CA THR A 631 -7.95 -1.08 -12.52
C THR A 631 -7.72 -1.81 -13.84
N ASP A 632 -6.97 -2.91 -13.83
CA ASP A 632 -6.54 -3.54 -15.08
C ASP A 632 -7.13 -4.93 -15.28
N GLU A 633 -8.33 -5.17 -14.78
CA GLU A 633 -8.92 -6.50 -14.94
C GLU A 633 -10.25 -6.45 -15.71
#